data_4M1U
#
_entry.id   4M1U
#
_cell.length_a   146.250
_cell.length_b   146.250
_cell.length_c   60.310
_cell.angle_alpha   90.00
_cell.angle_beta   90.00
_cell.angle_gamma   120.00
#
_symmetry.space_group_name_H-M   'P 61'
#
loop_
_entity.id
_entity.type
_entity.pdbx_description
1 polymer 'Shiga toxin 2 A-subunit'
2 polymer 'Shiga toxin 2 B subunit'
3 branched '2-acetamido-2-deoxy-alpha-D-galactopyranose-(1-4)-methyl beta-D-galactopyranoside'
4 non-polymer 3-PYRIDINIUM-1-YLPROPANE-1-SULFONATE
5 water water
#
loop_
_entity_poly.entity_id
_entity_poly.type
_entity_poly.pdbx_seq_one_letter_code
_entity_poly.pdbx_strand_id
1 'polypeptide(L)'
;REFTIDFSTQQSYVSSLNSIRTEISTPLEHISQGTTSVSVINHTPPGSYFAVDIRGLDVYQARFDHLRLIIEQNNLYVAG
FVNTATNTFYRFSDFTHISVPGVTTVSMTTDSSYTTLQRVAALERSGMQISRHSLVSSYLALMEFSGNTMTRDASRAVLR
FVTVTAEALRFRQIQREFRQALSETAPVYTMTPGDVDLTLNWGRISNVLPEYRGEDGVRVGRISFNNISAILGTVAVILN
CHHQGARSVRAVNEESQPECQITGDRPVIKINNTLWESNTAAAFLNRKSQFLYTTGK
;
A
2 'polypeptide(L)' ADCAKGKIEFSKYNEDDTFTVKVDGKEYWTSRWNLQPLLQSAQLTGMTVTIKSSTCESGSGFAEVQFNND B,C,D,E,F
#
# COMPACT_ATOMS: atom_id res chain seq x y z
N ARG A 1 -26.38 -0.69 -23.04
CA ARG A 1 -26.86 0.48 -22.24
C ARG A 1 -26.10 1.73 -22.65
N GLU A 2 -26.83 2.83 -22.85
CA GLU A 2 -26.23 4.07 -23.36
C GLU A 2 -26.49 5.24 -22.42
N PHE A 3 -25.42 5.96 -22.08
CA PHE A 3 -25.53 7.15 -21.23
C PHE A 3 -24.86 8.34 -21.91
N THR A 4 -25.22 9.53 -21.48
CA THR A 4 -24.57 10.75 -21.95
C THR A 4 -23.82 11.38 -20.78
N ILE A 5 -22.56 11.78 -21.02
CA ILE A 5 -21.90 12.72 -20.11
C ILE A 5 -21.83 14.07 -20.81
N ASP A 6 -22.55 15.04 -20.24
CA ASP A 6 -22.70 16.38 -20.81
C ASP A 6 -21.79 17.37 -20.10
N PHE A 7 -20.80 17.89 -20.83
CA PHE A 7 -19.78 18.77 -20.25
C PHE A 7 -20.17 20.25 -20.31
N SER A 8 -21.44 20.55 -20.60
CA SER A 8 -21.89 21.93 -20.80
C SER A 8 -21.66 22.80 -19.58
N THR A 9 -22.06 22.30 -18.41
CA THR A 9 -21.94 23.05 -17.17
C THR A 9 -21.55 22.10 -16.05
N GLN A 10 -21.22 22.63 -14.89
CA GLN A 10 -20.95 21.76 -13.73
C GLN A 10 -22.20 20.98 -13.38
N GLN A 11 -23.36 21.64 -13.46
CA GLN A 11 -24.64 20.97 -13.21
C GLN A 11 -24.87 19.79 -14.16
N SER A 12 -24.68 20.01 -15.46
CA SER A 12 -24.96 18.96 -16.44
C SER A 12 -23.99 17.79 -16.28
N TYR A 13 -22.73 18.12 -15.98
CA TYR A 13 -21.68 17.12 -15.80
C TYR A 13 -21.94 16.24 -14.57
N VAL A 14 -22.15 16.87 -13.41
CA VAL A 14 -22.42 16.12 -12.18
C VAL A 14 -23.72 15.32 -12.32
N SER A 15 -24.75 15.92 -12.86
CA SER A 15 -26.01 15.22 -13.12
C SER A 15 -25.79 13.95 -13.96
N SER A 16 -24.97 14.09 -15.01
CA SER A 16 -24.64 12.97 -15.90
C SER A 16 -23.98 11.84 -15.13
N LEU A 17 -22.97 12.18 -14.33
CA LEU A 17 -22.25 11.18 -13.56
C LEU A 17 -23.15 10.50 -12.55
N ASN A 18 -23.97 11.29 -11.85
CA ASN A 18 -24.89 10.73 -10.85
C ASN A 18 -25.90 9.75 -11.46
N SER A 19 -26.37 10.06 -12.66
CA SER A 19 -27.31 9.21 -13.39
C SER A 19 -26.71 7.85 -13.75
N ILE A 20 -25.46 7.86 -14.19
CA ILE A 20 -24.74 6.62 -14.47
C ILE A 20 -24.59 5.81 -13.19
N ARG A 21 -24.10 6.45 -12.14
CA ARG A 21 -23.89 5.77 -10.87
C ARG A 21 -25.15 5.07 -10.37
N THR A 22 -26.29 5.78 -10.41
CA THR A 22 -27.54 5.21 -9.92
C THR A 22 -27.94 3.96 -10.70
N GLU A 23 -27.66 3.94 -12.00
CA GLU A 23 -28.06 2.81 -12.84
C GLU A 23 -27.18 1.57 -12.66
N ILE A 24 -25.88 1.78 -12.46
CA ILE A 24 -24.91 0.66 -12.49
C ILE A 24 -24.45 0.18 -11.12
N SER A 25 -24.87 0.86 -10.06
CA SER A 25 -24.37 0.57 -8.71
C SER A 25 -25.44 0.71 -7.62
N THR A 26 -25.15 0.14 -6.44
CA THR A 26 -26.06 0.18 -5.31
C THR A 26 -25.34 0.73 -4.07
N PRO A 27 -25.95 1.71 -3.37
CA PRO A 27 -25.28 2.29 -2.20
C PRO A 27 -24.93 1.28 -1.11
N LEU A 28 -23.77 1.46 -0.49
CA LEU A 28 -23.43 0.72 0.72
C LEU A 28 -24.36 1.13 1.84
N GLU A 29 -24.81 0.15 2.62
CA GLU A 29 -25.66 0.41 3.77
C GLU A 29 -25.05 1.44 4.72
N HIS A 30 -23.75 1.35 4.95
CA HIS A 30 -23.09 2.12 6.00
C HIS A 30 -22.31 3.36 5.55
N ILE A 31 -22.34 3.65 4.26
CA ILE A 31 -21.70 4.87 3.72
C ILE A 31 -22.63 5.52 2.71
N SER A 32 -23.68 6.14 3.24
CA SER A 32 -24.72 6.71 2.40
C SER A 32 -25.42 7.82 3.19
N GLN A 33 -25.53 8.99 2.58
CA GLN A 33 -26.30 10.10 3.14
C GLN A 33 -27.17 10.64 2.03
N GLY A 34 -28.48 10.79 2.29
CA GLY A 34 -29.38 11.22 1.21
C GLY A 34 -29.20 10.30 0.01
N THR A 35 -29.00 10.89 -1.17
CA THR A 35 -28.68 10.10 -2.36
C THR A 35 -27.21 10.29 -2.79
N THR A 36 -26.35 10.53 -1.81
CA THR A 36 -24.92 10.65 -2.05
C THR A 36 -24.19 9.58 -1.25
N SER A 37 -23.65 8.60 -1.95
CA SER A 37 -23.12 7.40 -1.30
C SER A 37 -21.81 6.93 -1.87
N VAL A 38 -21.21 5.95 -1.20
CA VAL A 38 -20.27 5.05 -1.85
C VAL A 38 -21.12 3.87 -2.29
N SER A 39 -21.10 3.58 -3.58
CA SER A 39 -21.94 2.52 -4.15
C SER A 39 -21.08 1.41 -4.74
N VAL A 40 -21.61 0.19 -4.69
CA VAL A 40 -20.91 -0.97 -5.23
C VAL A 40 -21.50 -1.31 -6.60
N ILE A 41 -20.63 -1.46 -7.61
CA ILE A 41 -21.08 -1.84 -8.96
C ILE A 41 -21.89 -3.12 -8.90
N ASN A 42 -23.11 -3.08 -9.46
CA ASN A 42 -23.98 -4.25 -9.53
C ASN A 42 -23.32 -5.36 -10.33
N HIS A 43 -23.48 -6.60 -9.89
CA HIS A 43 -22.90 -7.70 -10.64
C HIS A 43 -23.45 -7.74 -12.07
N THR A 44 -22.55 -7.85 -13.03
CA THR A 44 -22.88 -8.04 -14.44
C THR A 44 -21.90 -9.07 -14.99
N PRO A 45 -22.28 -9.80 -16.06
CA PRO A 45 -21.34 -10.76 -16.63
C PRO A 45 -20.09 -10.10 -17.19
N PRO A 46 -18.96 -10.84 -17.23
CA PRO A 46 -17.77 -10.28 -17.88
C PRO A 46 -18.04 -10.08 -19.37
N GLY A 47 -17.60 -8.95 -19.92
CA GLY A 47 -17.89 -8.60 -21.30
C GLY A 47 -18.98 -7.57 -21.42
N SER A 48 -19.76 -7.40 -20.35
CA SER A 48 -20.80 -6.37 -20.31
C SER A 48 -20.16 -5.00 -20.36
N TYR A 49 -20.73 -4.11 -21.15
CA TYR A 49 -20.24 -2.74 -21.24
C TYR A 49 -21.41 -1.78 -21.27
N PHE A 50 -21.13 -0.50 -21.00
CA PHE A 50 -22.05 0.56 -21.35
C PHE A 50 -21.36 1.60 -22.20
N ALA A 51 -22.14 2.29 -23.03
CA ALA A 51 -21.62 3.34 -23.89
C ALA A 51 -21.82 4.70 -23.23
N VAL A 52 -20.86 5.59 -23.45
CA VAL A 52 -20.96 6.96 -22.96
C VAL A 52 -20.81 7.89 -24.15
N ASP A 53 -21.88 8.63 -24.47
CA ASP A 53 -21.82 9.65 -25.50
C ASP A 53 -21.32 10.94 -24.86
N ILE A 54 -20.26 11.48 -25.45
CA ILE A 54 -19.66 12.73 -24.99
C ILE A 54 -20.41 13.90 -25.65
N ARG A 55 -20.90 14.80 -24.81
CA ARG A 55 -21.67 15.95 -25.26
C ARG A 55 -21.26 17.22 -24.51
N GLY A 56 -21.61 18.36 -25.09
CA GLY A 56 -21.45 19.65 -24.43
C GLY A 56 -20.03 20.17 -24.29
N LEU A 57 -19.13 19.65 -25.12
CA LEU A 57 -17.75 20.15 -25.13
C LEU A 57 -17.73 21.62 -25.52
N ASP A 58 -18.58 21.97 -26.48
CA ASP A 58 -18.98 23.34 -26.74
C ASP A 58 -20.34 23.51 -26.04
N VAL A 59 -20.34 24.34 -25.01
CA VAL A 59 -21.48 24.47 -24.07
C VAL A 59 -22.84 24.53 -24.76
N TYR A 60 -23.69 23.54 -24.47
CA TYR A 60 -25.08 23.48 -24.95
C TYR A 60 -25.24 23.43 -26.47
N GLN A 61 -24.17 23.09 -27.19
CA GLN A 61 -24.20 23.05 -28.65
C GLN A 61 -24.13 21.62 -29.16
N ALA A 62 -24.93 21.32 -30.18
CA ALA A 62 -24.87 20.04 -30.87
C ALA A 62 -23.69 20.07 -31.86
N ARG A 63 -22.50 20.23 -31.30
CA ARG A 63 -21.23 20.17 -32.03
C ARG A 63 -20.35 19.17 -31.30
N PHE A 64 -19.28 18.74 -31.97
CA PHE A 64 -18.32 17.81 -31.38
C PHE A 64 -19.03 16.61 -30.73
N ASP A 65 -19.94 16.00 -31.47
CA ASP A 65 -20.86 15.02 -30.92
C ASP A 65 -20.71 13.60 -31.49
N HIS A 66 -19.52 13.29 -32.03
CA HIS A 66 -19.29 11.99 -32.66
C HIS A 66 -18.44 11.02 -31.84
N LEU A 67 -18.15 11.37 -30.59
CA LEU A 67 -17.31 10.52 -29.75
C LEU A 67 -18.14 9.75 -28.73
N ARG A 68 -17.91 8.45 -28.69
CA ARG A 68 -18.51 7.55 -27.71
C ARG A 68 -17.39 6.75 -27.05
N LEU A 69 -17.46 6.60 -25.74
CA LEU A 69 -16.52 5.75 -25.02
C LEU A 69 -17.21 4.45 -24.69
N ILE A 70 -16.46 3.35 -24.78
CA ILE A 70 -16.97 2.04 -24.40
C ILE A 70 -16.35 1.66 -23.06
N ILE A 71 -17.20 1.48 -22.06
CA ILE A 71 -16.72 1.25 -20.69
C ILE A 71 -17.17 -0.13 -20.23
N GLU A 72 -16.22 -0.98 -19.86
CA GLU A 72 -16.56 -2.29 -19.31
C GLU A 72 -17.23 -2.06 -17.96
N GLN A 73 -18.40 -2.65 -17.77
CA GLN A 73 -19.26 -2.27 -16.66
C GLN A 73 -18.75 -2.74 -15.29
N ASN A 74 -18.22 -3.95 -15.22
CA ASN A 74 -17.79 -4.52 -13.94
C ASN A 74 -16.64 -3.78 -13.28
N ASN A 75 -15.80 -3.12 -14.08
CA ASN A 75 -14.59 -2.51 -13.54
C ASN A 75 -14.40 -1.06 -13.96
N LEU A 76 -15.35 -0.54 -14.74
CA LEU A 76 -15.33 0.83 -15.23
C LEU A 76 -14.09 1.16 -16.09
N TYR A 77 -13.44 0.14 -16.63
CA TYR A 77 -12.29 0.36 -17.50
C TYR A 77 -12.78 0.83 -18.86
N VAL A 78 -12.06 1.79 -19.45
CA VAL A 78 -12.36 2.21 -20.81
C VAL A 78 -11.76 1.18 -21.77
N ALA A 79 -12.62 0.50 -22.52
CA ALA A 79 -12.22 -0.56 -23.44
C ALA A 79 -11.78 0.01 -24.78
N GLY A 80 -12.20 1.24 -25.05
CA GLY A 80 -11.86 1.93 -26.28
C GLY A 80 -12.84 3.05 -26.59
N PHE A 81 -12.81 3.52 -27.84
CA PHE A 81 -13.65 4.63 -28.23
C PHE A 81 -14.27 4.39 -29.60
N VAL A 82 -15.45 4.96 -29.81
CA VAL A 82 -16.16 4.85 -31.08
C VAL A 82 -16.24 6.22 -31.75
N ASN A 83 -15.83 6.26 -33.01
CA ASN A 83 -16.12 7.37 -33.89
C ASN A 83 -17.45 7.04 -34.54
N THR A 84 -18.51 7.74 -34.12
CA THR A 84 -19.86 7.42 -34.57
C THR A 84 -20.14 7.92 -35.98
N ALA A 85 -19.28 8.80 -36.48
CA ALA A 85 -19.37 9.28 -37.86
C ALA A 85 -18.90 8.19 -38.83
N THR A 86 -17.80 7.52 -38.48
CA THR A 86 -17.26 6.44 -39.32
C THR A 86 -17.75 5.06 -38.89
N ASN A 87 -18.47 5.02 -37.77
CA ASN A 87 -19.01 3.79 -37.19
C ASN A 87 -17.91 2.77 -36.87
N THR A 88 -16.84 3.27 -36.24
CA THR A 88 -15.64 2.48 -35.96
C THR A 88 -15.31 2.48 -34.48
N PHE A 89 -15.12 1.28 -33.94
CA PHE A 89 -14.77 1.07 -32.54
C PHE A 89 -13.29 0.71 -32.46
N TYR A 90 -12.51 1.63 -31.89
CA TYR A 90 -11.09 1.41 -31.66
C TYR A 90 -10.91 0.81 -30.28
N ARG A 91 -10.50 -0.45 -30.26
CA ARG A 91 -10.53 -1.25 -29.04
C ARG A 91 -9.13 -1.55 -28.57
N PHE A 92 -8.86 -1.32 -27.29
CA PHE A 92 -7.56 -1.63 -26.70
C PHE A 92 -7.28 -3.14 -26.68
N SER A 93 -6.00 -3.48 -26.75
CA SER A 93 -5.55 -4.86 -26.92
C SER A 93 -5.96 -5.77 -25.77
N ASP A 94 -6.15 -5.18 -24.59
CA ASP A 94 -6.53 -5.94 -23.39
C ASP A 94 -8.04 -6.09 -23.23
N PHE A 95 -8.80 -5.73 -24.27
CA PHE A 95 -10.26 -5.80 -24.22
C PHE A 95 -10.88 -6.54 -25.40
N THR A 96 -10.20 -7.58 -25.88
CA THR A 96 -10.71 -8.39 -26.99
C THR A 96 -11.98 -9.15 -26.60
N HIS A 97 -12.28 -9.20 -25.30
CA HIS A 97 -13.49 -9.85 -24.78
C HIS A 97 -14.71 -8.92 -24.80
N ILE A 98 -14.50 -7.65 -25.15
CA ILE A 98 -15.59 -6.69 -25.28
C ILE A 98 -16.03 -6.60 -26.73
N SER A 99 -17.26 -7.04 -26.98
CA SER A 99 -17.81 -7.04 -28.34
C SER A 99 -18.97 -6.06 -28.47
N VAL A 100 -18.83 -5.13 -29.41
CA VAL A 100 -19.83 -4.11 -29.67
C VAL A 100 -20.50 -4.39 -31.02
N PRO A 101 -21.84 -4.61 -31.01
CA PRO A 101 -22.55 -4.93 -32.25
C PRO A 101 -22.75 -3.72 -33.16
N GLY A 102 -22.80 -3.95 -34.47
CA GLY A 102 -23.16 -2.92 -35.44
C GLY A 102 -22.11 -1.87 -35.75
N VAL A 103 -20.87 -2.13 -35.33
CA VAL A 103 -19.74 -1.24 -35.61
C VAL A 103 -18.62 -2.03 -36.28
N THR A 104 -17.73 -1.32 -36.96
CA THR A 104 -16.48 -1.92 -37.43
C THR A 104 -15.51 -1.88 -36.25
N THR A 105 -15.03 -3.04 -35.82
CA THR A 105 -14.10 -3.11 -34.71
C THR A 105 -12.66 -3.15 -35.22
N VAL A 106 -11.87 -2.17 -34.77
CA VAL A 106 -10.44 -2.15 -35.02
C VAL A 106 -9.75 -2.58 -33.74
N SER A 107 -9.10 -3.73 -33.79
CA SER A 107 -8.38 -4.25 -32.64
C SER A 107 -7.00 -3.64 -32.61
N MET A 108 -6.70 -2.91 -31.54
CA MET A 108 -5.45 -2.16 -31.48
C MET A 108 -4.31 -2.97 -30.89
N THR A 109 -3.09 -2.59 -31.24
CA THR A 109 -1.87 -3.19 -30.68
C THR A 109 -1.60 -2.63 -29.29
N THR A 110 -2.10 -1.42 -29.05
CA THR A 110 -1.86 -0.68 -27.81
C THR A 110 -2.80 -1.17 -26.71
N ASP A 111 -2.25 -1.40 -25.51
CA ASP A 111 -3.07 -1.73 -24.36
C ASP A 111 -3.48 -0.46 -23.60
N SER A 112 -4.47 -0.61 -22.72
CA SER A 112 -5.12 0.52 -22.07
C SER A 112 -4.43 1.03 -20.80
N SER A 113 -3.38 0.35 -20.36
CA SER A 113 -2.76 0.67 -19.07
C SER A 113 -2.22 2.10 -19.04
N TYR A 114 -2.21 2.69 -17.85
CA TYR A 114 -1.62 4.02 -17.69
C TYR A 114 -0.13 4.02 -18.00
N THR A 115 0.55 2.93 -17.66
CA THR A 115 1.97 2.79 -17.98
C THR A 115 2.19 2.97 -19.49
N THR A 116 1.40 2.24 -20.28
CA THR A 116 1.49 2.35 -21.75
C THR A 116 1.07 3.72 -22.26
N LEU A 117 -0.09 4.19 -21.83
CA LEU A 117 -0.65 5.44 -22.33
C LEU A 117 0.24 6.64 -22.03
N GLN A 118 0.78 6.71 -20.82
CA GLN A 118 1.70 7.78 -20.45
C GLN A 118 2.97 7.78 -21.29
N ARG A 119 3.47 6.58 -21.62
CA ARG A 119 4.64 6.44 -22.47
C ARG A 119 4.37 6.94 -23.90
N VAL A 120 3.32 6.41 -24.53
CA VAL A 120 2.96 6.80 -25.90
C VAL A 120 2.60 8.29 -25.97
N ALA A 121 1.91 8.77 -24.95
CA ALA A 121 1.46 10.17 -24.90
C ALA A 121 2.57 11.15 -24.57
N ALA A 122 3.69 10.64 -24.07
CA ALA A 122 4.76 11.48 -23.50
C ALA A 122 4.14 12.53 -22.55
N LEU A 123 3.27 12.03 -21.67
CA LEU A 123 2.53 12.87 -20.74
C LEU A 123 2.31 12.09 -19.47
N GLU A 124 2.80 12.64 -18.35
CA GLU A 124 2.54 12.07 -17.04
C GLU A 124 1.23 12.60 -16.48
N ARG A 125 0.47 11.73 -15.81
CA ARG A 125 -0.80 12.09 -15.23
C ARG A 125 -0.63 13.05 -14.05
N SER A 126 0.40 12.84 -13.25
CA SER A 126 0.69 13.74 -12.14
C SER A 126 1.13 15.10 -12.70
N GLY A 127 0.26 16.09 -12.54
CA GLY A 127 0.50 17.41 -13.10
C GLY A 127 -0.15 17.63 -14.46
N MET A 128 -0.86 16.62 -14.97
CA MET A 128 -1.58 16.74 -16.23
C MET A 128 -2.67 17.81 -16.12
N GLN A 129 -2.72 18.69 -17.12
CA GLN A 129 -3.71 19.75 -17.17
C GLN A 129 -4.88 19.33 -18.05
N ILE A 130 -6.10 19.57 -17.56
CA ILE A 130 -7.31 19.35 -18.37
C ILE A 130 -8.18 20.60 -18.31
N SER A 131 -8.55 21.09 -19.48
CA SER A 131 -9.44 22.24 -19.60
C SER A 131 -10.51 21.91 -20.62
N ARG A 132 -11.52 22.76 -20.73
CA ARG A 132 -12.50 22.63 -21.81
C ARG A 132 -11.78 22.64 -23.16
N HIS A 133 -10.86 23.59 -23.32
CA HIS A 133 -10.06 23.70 -24.54
C HIS A 133 -9.31 22.40 -24.88
N SER A 134 -8.66 21.79 -23.88
CA SER A 134 -7.90 20.57 -24.15
C SER A 134 -8.80 19.35 -24.37
N LEU A 135 -10.02 19.36 -23.84
CA LEU A 135 -10.99 18.31 -24.14
C LEU A 135 -11.50 18.41 -25.59
N VAL A 136 -11.67 19.64 -26.08
CA VAL A 136 -12.02 19.84 -27.48
C VAL A 136 -10.89 19.35 -28.38
N SER A 137 -9.66 19.71 -28.03
CA SER A 137 -8.47 19.22 -28.74
C SER A 137 -8.39 17.69 -28.69
N SER A 138 -8.69 17.13 -27.52
CA SER A 138 -8.70 15.68 -27.34
C SER A 138 -9.74 15.02 -28.26
N TYR A 139 -10.94 15.59 -28.30
CA TYR A 139 -11.99 15.11 -29.17
C TYR A 139 -11.53 15.07 -30.63
N LEU A 140 -10.97 16.18 -31.08
CA LEU A 140 -10.53 16.31 -32.47
C LEU A 140 -9.43 15.32 -32.83
N ALA A 141 -8.53 15.06 -31.87
CA ALA A 141 -7.49 14.06 -32.03
C ALA A 141 -8.08 12.68 -32.23
N LEU A 142 -9.07 12.33 -31.41
CA LEU A 142 -9.69 11.02 -31.49
C LEU A 142 -10.51 10.84 -32.77
N MET A 143 -11.09 11.93 -33.26
CA MET A 143 -11.87 11.87 -34.49
C MET A 143 -10.97 11.75 -35.72
N GLU A 144 -9.77 12.32 -35.64
CA GLU A 144 -8.78 12.24 -36.72
C GLU A 144 -8.05 10.90 -36.71
N PHE A 145 -8.03 10.23 -35.55
CA PHE A 145 -7.31 8.97 -35.40
C PHE A 145 -7.83 7.87 -36.31
N SER A 146 -6.88 7.16 -36.91
CA SER A 146 -7.16 5.97 -37.70
C SER A 146 -6.01 4.99 -37.45
N GLY A 147 -6.27 3.71 -37.70
CA GLY A 147 -5.24 2.69 -37.55
C GLY A 147 -5.37 1.85 -36.30
N ASN A 148 -4.45 0.88 -36.17
CA ASN A 148 -4.48 -0.12 -35.12
C ASN A 148 -3.49 0.18 -33.99
N THR A 149 -2.76 1.29 -34.08
CA THR A 149 -1.75 1.63 -33.08
C THR A 149 -1.92 3.08 -32.63
N MET A 150 -2.07 3.27 -31.32
CA MET A 150 -2.28 4.60 -30.75
C MET A 150 -1.11 5.56 -31.04
N THR A 151 -1.45 6.79 -31.39
CA THR A 151 -0.48 7.84 -31.61
C THR A 151 -0.32 8.64 -30.33
N ARG A 152 0.66 9.55 -30.30
CA ARG A 152 0.87 10.41 -29.13
C ARG A 152 -0.38 11.21 -28.78
N ASP A 153 -0.95 11.89 -29.78
CA ASP A 153 -2.10 12.77 -29.56
C ASP A 153 -3.37 12.02 -29.21
N ALA A 154 -3.55 10.84 -29.77
CA ALA A 154 -4.69 9.98 -29.41
C ALA A 154 -4.55 9.51 -27.96
N SER A 155 -3.32 9.20 -27.56
CA SER A 155 -3.07 8.72 -26.19
C SER A 155 -3.27 9.83 -25.16
N ARG A 156 -2.85 11.05 -25.51
CA ARG A 156 -3.10 12.21 -24.66
C ARG A 156 -4.60 12.43 -24.49
N ALA A 157 -5.33 12.26 -25.59
CA ALA A 157 -6.79 12.40 -25.60
C ALA A 157 -7.46 11.38 -24.69
N VAL A 158 -7.03 10.12 -24.77
CA VAL A 158 -7.58 9.06 -23.93
C VAL A 158 -7.27 9.30 -22.44
N LEU A 159 -6.05 9.71 -22.13
CA LEU A 159 -5.69 10.04 -20.74
C LEU A 159 -6.63 11.09 -20.16
N ARG A 160 -6.92 12.13 -20.94
CA ARG A 160 -7.77 13.21 -20.48
C ARG A 160 -9.22 12.74 -20.33
N PHE A 161 -9.73 12.02 -21.32
CA PHE A 161 -11.12 11.55 -21.26
C PHE A 161 -11.39 10.48 -20.21
N VAL A 162 -10.45 9.55 -20.00
CA VAL A 162 -10.60 8.53 -18.96
C VAL A 162 -10.66 9.19 -17.59
N THR A 163 -9.85 10.22 -17.39
CA THR A 163 -9.79 10.92 -16.10
C THR A 163 -11.13 11.56 -15.75
N VAL A 164 -11.74 12.23 -16.73
CA VAL A 164 -12.95 13.01 -16.49
C VAL A 164 -14.25 12.20 -16.63
N THR A 165 -14.12 10.95 -17.08
CA THR A 165 -15.28 10.06 -17.17
C THR A 165 -15.18 8.93 -16.15
N ALA A 166 -14.43 7.88 -16.49
CA ALA A 166 -14.30 6.71 -15.63
C ALA A 166 -13.75 7.03 -14.24
N GLU A 167 -12.67 7.81 -14.16
CA GLU A 167 -12.07 8.09 -12.85
C GLU A 167 -12.97 9.00 -12.01
N ALA A 168 -13.65 9.94 -12.66
CA ALA A 168 -14.61 10.81 -11.99
C ALA A 168 -15.83 10.04 -11.51
N LEU A 169 -16.25 9.05 -12.28
CA LEU A 169 -17.33 8.16 -11.84
C LEU A 169 -16.96 7.45 -10.55
N ARG A 170 -15.71 6.98 -10.48
CA ARG A 170 -15.24 6.28 -9.29
C ARG A 170 -15.05 7.22 -8.10
N PHE A 171 -14.48 8.39 -8.37
CA PHE A 171 -14.02 9.28 -7.31
C PHE A 171 -14.68 10.65 -7.35
N ARG A 172 -15.52 10.91 -6.35
CA ARG A 172 -16.16 12.20 -6.20
C ARG A 172 -15.13 13.32 -6.06
N GLN A 173 -13.94 13.00 -5.54
CA GLN A 173 -12.85 13.97 -5.44
C GLN A 173 -12.45 14.53 -6.81
N ILE A 174 -12.31 13.63 -7.78
CA ILE A 174 -11.93 14.03 -9.14
C ILE A 174 -13.09 14.77 -9.81
N GLN A 175 -14.32 14.29 -9.61
CA GLN A 175 -15.50 15.00 -10.09
C GLN A 175 -15.50 16.44 -9.60
N ARG A 176 -15.27 16.63 -8.29
CA ARG A 176 -15.30 17.95 -7.67
C ARG A 176 -14.19 18.86 -8.18
N GLU A 177 -12.98 18.33 -8.28
CA GLU A 177 -11.85 19.14 -8.69
C GLU A 177 -11.92 19.48 -10.17
N PHE A 178 -12.25 18.50 -11.00
CA PHE A 178 -12.31 18.76 -12.43
C PHE A 178 -13.44 19.71 -12.82
N ARG A 179 -14.60 19.58 -12.19
CA ARG A 179 -15.79 20.30 -12.65
C ARG A 179 -15.60 21.82 -12.71
N GLN A 180 -14.70 22.35 -11.88
CA GLN A 180 -14.39 23.77 -11.92
C GLN A 180 -13.95 24.24 -13.31
N ALA A 181 -13.26 23.36 -14.04
CA ALA A 181 -12.80 23.68 -15.40
C ALA A 181 -13.96 23.95 -16.38
N LEU A 182 -15.15 23.52 -16.02
CA LEU A 182 -16.33 23.68 -16.88
C LEU A 182 -17.04 25.02 -16.72
N SER A 183 -16.64 25.77 -15.69
CA SER A 183 -17.27 27.06 -15.40
C SER A 183 -16.88 28.11 -16.42
N GLU A 184 -17.64 29.21 -16.44
CA GLU A 184 -17.45 30.32 -17.38
C GLU A 184 -16.04 30.91 -17.33
N THR A 185 -15.41 30.86 -16.16
CA THR A 185 -14.05 31.39 -15.98
C THR A 185 -13.00 30.51 -16.67
N ALA A 186 -13.41 29.30 -17.04
CA ALA A 186 -12.61 28.33 -17.78
C ALA A 186 -11.19 28.12 -17.20
N PRO A 187 -11.11 27.79 -15.89
CA PRO A 187 -9.79 27.56 -15.31
C PRO A 187 -9.26 26.19 -15.73
N VAL A 188 -8.01 25.92 -15.39
CA VAL A 188 -7.41 24.65 -15.73
C VAL A 188 -7.48 23.70 -14.53
N TYR A 189 -7.93 22.46 -14.77
CA TYR A 189 -7.81 21.42 -13.77
C TYR A 189 -6.41 20.84 -13.89
N THR A 190 -5.70 20.75 -12.76
CA THR A 190 -4.40 20.07 -12.73
C THR A 190 -4.52 18.85 -11.84
N MET A 191 -4.26 17.68 -12.43
CA MET A 191 -4.32 16.44 -11.68
C MET A 191 -3.19 16.39 -10.66
N THR A 192 -3.56 16.19 -9.41
CA THR A 192 -2.62 16.21 -8.28
C THR A 192 -2.03 14.82 -8.04
N PRO A 193 -0.88 14.75 -7.36
CA PRO A 193 -0.38 13.44 -6.91
C PRO A 193 -1.44 12.67 -6.11
N GLY A 194 -2.23 13.37 -5.30
CA GLY A 194 -3.31 12.75 -4.53
C GLY A 194 -4.41 12.13 -5.38
N ASP A 195 -4.80 12.86 -6.44
CA ASP A 195 -5.75 12.33 -7.44
C ASP A 195 -5.21 11.04 -8.05
N VAL A 196 -3.95 11.08 -8.47
CA VAL A 196 -3.30 9.92 -9.09
C VAL A 196 -3.29 8.75 -8.11
N ASP A 197 -2.90 8.99 -6.86
CA ASP A 197 -2.86 7.95 -5.83
C ASP A 197 -4.21 7.27 -5.64
N LEU A 198 -5.30 8.05 -5.67
CA LEU A 198 -6.63 7.46 -5.56
C LEU A 198 -6.88 6.44 -6.65
N THR A 199 -6.59 6.83 -7.89
CA THR A 199 -6.86 5.98 -9.05
C THR A 199 -6.04 4.70 -9.03
N LEU A 200 -4.86 4.77 -8.39
CA LEU A 200 -3.97 3.62 -8.30
C LEU A 200 -4.35 2.66 -7.15
N ASN A 201 -5.29 3.09 -6.32
CA ASN A 201 -5.67 2.34 -5.12
C ASN A 201 -7.14 1.94 -5.11
N TRP A 202 -7.79 2.03 -6.26
CA TRP A 202 -9.22 1.82 -6.34
C TRP A 202 -9.62 0.41 -5.90
N GLY A 203 -8.92 -0.61 -6.39
CA GLY A 203 -9.18 -1.99 -6.00
C GLY A 203 -9.03 -2.19 -4.50
N ARG A 204 -7.98 -1.62 -3.94
CA ARG A 204 -7.70 -1.79 -2.51
C ARG A 204 -8.75 -1.10 -1.64
N ILE A 205 -9.12 0.11 -2.03
CA ILE A 205 -10.20 0.85 -1.40
C ILE A 205 -11.50 0.05 -1.47
N SER A 206 -11.76 -0.55 -2.63
CA SER A 206 -12.97 -1.34 -2.86
C SER A 206 -13.10 -2.54 -1.92
N ASN A 207 -11.96 -3.12 -1.55
CA ASN A 207 -11.97 -4.28 -0.67
C ASN A 207 -12.23 -3.91 0.79
N VAL A 208 -11.93 -2.67 1.13
CA VAL A 208 -11.94 -2.22 2.52
C VAL A 208 -13.25 -1.54 2.92
N LEU A 209 -13.74 -0.64 2.08
CA LEU A 209 -14.93 0.16 2.43
C LEU A 209 -16.22 -0.61 2.80
N PRO A 210 -16.46 -1.77 2.16
CA PRO A 210 -17.64 -2.56 2.58
C PRO A 210 -17.59 -3.03 4.04
N GLU A 211 -16.40 -3.02 4.64
CA GLU A 211 -16.24 -3.46 6.03
C GLU A 211 -16.44 -2.33 7.04
N TYR A 212 -16.48 -1.10 6.55
CA TYR A 212 -16.65 0.09 7.38
C TYR A 212 -17.95 0.08 8.17
N ARG A 213 -17.84 0.30 9.48
CA ARG A 213 -18.98 0.34 10.38
C ARG A 213 -18.89 1.54 11.33
N GLY A 214 -18.50 2.69 10.77
CA GLY A 214 -18.45 3.94 11.51
C GLY A 214 -17.20 4.15 12.35
N GLU A 215 -16.09 3.52 11.95
CA GLU A 215 -14.80 3.70 12.62
C GLU A 215 -14.32 5.15 12.51
N ASP A 216 -13.44 5.56 13.43
CA ASP A 216 -12.93 6.93 13.45
C ASP A 216 -11.98 7.25 12.29
N GLY A 217 -11.70 6.26 11.46
CA GLY A 217 -10.86 6.48 10.29
C GLY A 217 -10.70 5.23 9.44
N VAL A 218 -10.21 5.43 8.22
CA VAL A 218 -9.93 4.35 7.28
C VAL A 218 -8.53 4.59 6.69
N ARG A 219 -7.72 3.54 6.67
CA ARG A 219 -6.37 3.64 6.14
C ARG A 219 -6.15 2.52 5.14
N VAL A 220 -5.84 2.89 3.90
CA VAL A 220 -5.57 1.93 2.85
C VAL A 220 -4.30 2.41 2.15
N GLY A 221 -3.19 1.75 2.45
CA GLY A 221 -1.89 2.19 1.94
C GLY A 221 -1.66 3.68 2.19
N ARG A 222 -1.50 4.43 1.11
CA ARG A 222 -1.20 5.86 1.17
C ARG A 222 -2.44 6.73 1.38
N ILE A 223 -3.62 6.10 1.35
CA ILE A 223 -4.90 6.78 1.42
C ILE A 223 -5.42 6.81 2.86
N SER A 224 -5.88 7.97 3.30
CA SER A 224 -6.45 8.11 4.64
C SER A 224 -7.77 8.87 4.59
N PHE A 225 -8.78 8.32 5.28
CA PHE A 225 -10.07 9.02 5.46
C PHE A 225 -10.31 9.16 6.96
N ASN A 226 -10.51 10.40 7.42
CA ASN A 226 -10.61 10.67 8.85
C ASN A 226 -12.03 10.66 9.41
N ASN A 227 -13.02 10.63 8.53
CA ASN A 227 -14.43 10.71 8.91
C ASN A 227 -15.31 10.37 7.70
N ILE A 228 -16.62 10.26 7.93
CA ILE A 228 -17.53 9.89 6.85
C ILE A 228 -17.59 10.91 5.71
N SER A 229 -17.53 12.21 6.03
CA SER A 229 -17.55 13.24 4.98
C SER A 229 -16.30 13.18 4.10
N ALA A 230 -15.17 12.79 4.68
CA ALA A 230 -13.95 12.55 3.90
C ALA A 230 -14.15 11.38 2.95
N ILE A 231 -14.78 10.30 3.42
CA ILE A 231 -15.05 9.15 2.56
C ILE A 231 -15.95 9.57 1.39
N LEU A 232 -17.10 10.18 1.73
CA LEU A 232 -18.08 10.59 0.73
C LEU A 232 -17.59 11.68 -0.22
N GLY A 233 -16.72 12.56 0.27
CA GLY A 233 -16.15 13.62 -0.57
C GLY A 233 -15.10 13.09 -1.52
N THR A 234 -14.68 11.85 -1.32
CA THR A 234 -13.59 11.28 -2.12
C THR A 234 -14.05 10.18 -3.06
N VAL A 235 -14.82 9.22 -2.54
CA VAL A 235 -15.15 7.99 -3.27
C VAL A 235 -16.65 7.94 -3.58
N ALA A 236 -16.99 7.60 -4.81
CA ALA A 236 -18.38 7.45 -5.22
C ALA A 236 -18.77 6.01 -5.58
N VAL A 237 -17.90 5.31 -6.30
CA VAL A 237 -18.21 3.96 -6.78
C VAL A 237 -17.03 3.04 -6.57
N ILE A 238 -17.30 1.84 -6.06
CA ILE A 238 -16.26 0.83 -5.82
C ILE A 238 -16.58 -0.49 -6.53
N LEU A 239 -15.54 -1.29 -6.77
CA LEU A 239 -15.68 -2.62 -7.32
C LEU A 239 -16.53 -3.50 -6.42
N ASN A 240 -17.18 -4.50 -7.02
CA ASN A 240 -17.89 -5.51 -6.27
C ASN A 240 -16.92 -6.60 -5.85
N CYS A 241 -16.53 -6.58 -4.58
CA CYS A 241 -15.55 -7.55 -4.05
C CYS A 241 -16.23 -8.73 -3.37
N HIS A 242 -17.55 -8.85 -3.55
CA HIS A 242 -18.33 -9.94 -2.97
C HIS A 242 -18.62 -11.00 -4.02
N GLU A 259 -9.55 -7.49 -9.06
CA GLU A 259 -8.45 -6.76 -8.45
C GLU A 259 -8.77 -6.24 -7.04
N CYS A 260 -9.69 -6.93 -6.35
CA CYS A 260 -10.01 -6.63 -4.97
C CYS A 260 -8.98 -7.21 -4.02
N GLN A 261 -8.44 -8.36 -4.41
CA GLN A 261 -7.50 -9.08 -3.57
C GLN A 261 -6.10 -9.01 -4.18
N ILE A 262 -5.12 -8.73 -3.36
CA ILE A 262 -3.73 -8.73 -3.79
C ILE A 262 -3.09 -10.04 -3.33
N THR A 263 -3.16 -10.25 -2.02
CA THR A 263 -2.62 -11.44 -1.38
C THR A 263 -3.37 -11.63 -0.06
N GLY A 264 -3.35 -12.84 0.48
CA GLY A 264 -4.04 -13.10 1.74
C GLY A 264 -5.54 -13.16 1.59
N ASP A 265 -6.26 -13.15 2.71
CA ASP A 265 -7.71 -13.30 2.68
C ASP A 265 -8.42 -12.47 3.76
N ARG A 266 -7.71 -11.51 4.32
CA ARG A 266 -8.26 -10.68 5.39
C ARG A 266 -8.35 -9.24 4.90
N PRO A 267 -9.57 -8.77 4.60
CA PRO A 267 -9.69 -7.40 4.10
C PRO A 267 -9.14 -6.34 5.07
N VAL A 268 -9.51 -6.45 6.34
CA VAL A 268 -9.25 -5.36 7.30
C VAL A 268 -8.84 -5.80 8.69
N ILE A 269 -8.18 -4.89 9.40
CA ILE A 269 -7.93 -5.01 10.83
C ILE A 269 -8.34 -3.69 11.47
N LYS A 270 -9.11 -3.77 12.56
CA LYS A 270 -9.44 -2.57 13.33
C LYS A 270 -8.36 -2.34 14.38
N ILE A 271 -7.67 -1.21 14.27
CA ILE A 271 -6.58 -0.83 15.17
C ILE A 271 -6.87 0.57 15.71
N ASN A 272 -7.05 0.68 17.02
CA ASN A 272 -7.32 1.97 17.65
C ASN A 272 -8.42 2.77 16.95
N ASN A 273 -9.55 2.11 16.76
CA ASN A 273 -10.75 2.68 16.12
C ASN A 273 -10.52 3.22 14.72
N THR A 274 -9.51 2.67 14.04
CA THR A 274 -9.26 2.95 12.63
C THR A 274 -9.30 1.64 11.87
N LEU A 275 -10.01 1.64 10.75
CA LEU A 275 -10.07 0.50 9.86
C LEU A 275 -8.89 0.49 8.91
N TRP A 276 -7.99 -0.48 9.09
CA TRP A 276 -6.80 -0.61 8.24
C TRP A 276 -6.99 -1.73 7.23
N GLU A 277 -6.54 -1.51 6.01
CA GLU A 277 -6.29 -2.60 5.09
C GLU A 277 -5.25 -3.51 5.75
N SER A 278 -5.57 -4.78 5.92
CA SER A 278 -4.67 -5.69 6.65
C SER A 278 -3.28 -5.72 6.01
N ASN A 279 -3.23 -5.69 4.68
CA ASN A 279 -1.97 -5.77 3.93
C ASN A 279 -1.04 -4.59 4.23
N THR A 280 -1.63 -3.41 4.45
CA THR A 280 -0.85 -2.23 4.80
C THR A 280 -0.18 -2.43 6.16
N ALA A 281 -0.98 -2.82 7.16
CA ALA A 281 -0.46 -3.10 8.49
C ALA A 281 0.63 -4.17 8.42
N ALA A 282 0.36 -5.25 7.71
CA ALA A 282 1.34 -6.34 7.57
C ALA A 282 2.66 -5.85 6.99
N ALA A 283 2.60 -4.86 6.10
CA ALA A 283 3.78 -4.39 5.36
C ALA A 283 4.68 -3.45 6.17
N PHE A 284 4.22 -2.97 7.31
CA PHE A 284 5.12 -2.30 8.24
C PHE A 284 5.34 -3.06 9.56
N LEU A 285 4.67 -4.21 9.70
CA LEU A 285 4.86 -5.07 10.87
C LEU A 285 5.68 -6.33 10.57
N ASN A 286 6.37 -6.33 9.43
CA ASN A 286 7.17 -7.48 9.02
C ASN A 286 8.67 -7.25 9.14
N ARG A 287 9.05 -6.27 9.96
CA ARG A 287 10.46 -5.94 10.18
C ARG A 287 11.00 -6.70 11.39
N LYS A 288 12.24 -7.18 11.29
CA LYS A 288 12.87 -7.80 12.45
C LYS A 288 13.49 -6.73 13.34
N SER A 289 14.14 -7.15 14.42
CA SER A 289 14.85 -6.24 15.32
C SER A 289 15.78 -5.34 14.52
N GLN A 290 15.68 -4.03 14.75
CA GLN A 290 16.40 -3.03 13.97
C GLN A 290 17.93 -3.20 14.07
N PHE A 291 18.42 -3.45 15.27
CA PHE A 291 19.86 -3.64 15.46
C PHE A 291 20.34 -4.84 14.64
N LEU A 292 19.54 -5.90 14.63
CA LEU A 292 19.89 -7.12 13.92
C LEU A 292 19.83 -6.93 12.41
N TYR A 293 18.86 -6.12 11.96
CA TYR A 293 18.70 -5.82 10.55
C TYR A 293 19.92 -5.08 9.99
N THR A 294 20.32 -4.02 10.67
CA THR A 294 21.37 -3.15 10.17
C THR A 294 22.76 -3.77 10.28
N THR A 295 23.00 -4.54 11.34
CA THR A 295 24.30 -5.17 11.53
C THR A 295 24.48 -6.40 10.64
N GLY A 296 23.38 -7.00 10.19
CA GLY A 296 23.42 -8.22 9.39
C GLY A 296 23.49 -7.97 7.91
N LYS A 297 24.62 -7.39 7.47
CA LYS A 297 24.77 -7.00 6.06
C LYS A 297 25.32 -8.13 5.18
N ALA B 1 4.94 -24.48 31.02
CA ALA B 1 3.51 -24.22 31.37
C ALA B 1 2.98 -23.01 30.61
N ASP B 2 1.66 -22.92 30.49
CA ASP B 2 1.02 -21.75 29.88
C ASP B 2 0.80 -20.68 30.96
N CYS B 3 1.67 -19.67 30.98
CA CYS B 3 1.64 -18.63 32.00
C CYS B 3 0.43 -17.72 31.90
N ALA B 4 0.14 -17.27 30.67
CA ALA B 4 -0.95 -16.36 30.43
C ALA B 4 -1.41 -16.49 28.99
N LYS B 5 -2.72 -16.39 28.79
CA LYS B 5 -3.29 -16.42 27.45
C LYS B 5 -4.29 -15.29 27.34
N GLY B 6 -4.11 -14.45 26.32
CA GLY B 6 -5.03 -13.35 26.05
C GLY B 6 -4.41 -12.30 25.16
N LYS B 7 -5.06 -11.15 25.10
CA LYS B 7 -4.54 -10.04 24.32
C LYS B 7 -3.48 -9.31 25.13
N ILE B 8 -2.57 -8.64 24.43
CA ILE B 8 -1.57 -7.81 25.09
C ILE B 8 -2.21 -6.50 25.53
N GLU B 9 -2.17 -6.25 26.83
CA GLU B 9 -2.79 -5.06 27.43
C GLU B 9 -1.91 -3.83 27.31
N PHE B 10 -0.60 -4.03 27.45
CA PHE B 10 0.41 -3.03 27.08
C PHE B 10 1.74 -3.73 26.82
N SER B 11 2.63 -3.03 26.11
CA SER B 11 4.01 -3.48 25.94
C SER B 11 4.92 -2.35 26.37
N LYS B 12 6.17 -2.69 26.69
CA LYS B 12 7.12 -1.69 27.17
C LYS B 12 8.55 -2.08 26.84
N TYR B 13 9.26 -1.17 26.17
CA TYR B 13 10.68 -1.32 25.95
C TYR B 13 11.40 -0.82 27.20
N ASN B 14 12.35 -1.61 27.70
CA ASN B 14 12.98 -1.33 28.99
C ASN B 14 14.41 -0.82 28.83
N GLU B 15 14.90 -0.11 29.84
CA GLU B 15 16.23 0.48 29.80
C GLU B 15 17.37 -0.54 29.66
N ASP B 16 17.10 -1.79 30.03
CA ASP B 16 18.10 -2.86 29.90
C ASP B 16 17.96 -3.63 28.57
N ASP B 17 17.19 -3.05 27.65
CA ASP B 17 16.91 -3.62 26.31
C ASP B 17 16.03 -4.87 26.33
N THR B 18 15.40 -5.15 27.47
CA THR B 18 14.38 -6.20 27.51
C THR B 18 13.02 -5.60 27.14
N PHE B 19 12.01 -6.45 27.05
CA PHE B 19 10.70 -6.02 26.57
C PHE B 19 9.63 -6.66 27.41
N THR B 20 8.72 -5.83 27.94
CA THR B 20 7.67 -6.30 28.83
C THR B 20 6.32 -6.31 28.13
N VAL B 21 5.52 -7.34 28.38
CA VAL B 21 4.13 -7.36 27.98
C VAL B 21 3.22 -7.70 29.17
N LYS B 22 2.02 -7.14 29.17
CA LYS B 22 1.01 -7.51 30.15
C LYS B 22 -0.08 -8.31 29.45
N VAL B 23 -0.32 -9.53 29.94
CA VAL B 23 -1.28 -10.44 29.34
C VAL B 23 -2.11 -11.04 30.45
N ASP B 24 -3.44 -10.94 30.31
CA ASP B 24 -4.40 -11.44 31.30
C ASP B 24 -4.04 -10.99 32.73
N GLY B 25 -3.69 -9.72 32.85
CA GLY B 25 -3.45 -9.10 34.15
C GLY B 25 -2.08 -9.33 34.78
N LYS B 26 -1.21 -10.06 34.09
CA LYS B 26 0.12 -10.35 34.61
C LYS B 26 1.21 -9.83 33.67
N GLU B 27 2.32 -9.39 34.24
CA GLU B 27 3.42 -8.83 33.45
C GLU B 27 4.56 -9.83 33.29
N TYR B 28 5.11 -9.90 32.09
CA TYR B 28 6.22 -10.79 31.78
C TYR B 28 7.21 -10.04 30.90
N TRP B 29 8.49 -10.42 30.99
CA TRP B 29 9.51 -9.77 30.17
C TRP B 29 10.31 -10.79 29.40
N THR B 30 10.86 -10.36 28.26
CA THR B 30 11.77 -11.20 27.48
C THR B 30 13.02 -10.42 27.07
N SER B 31 14.14 -11.12 27.00
CA SER B 31 15.38 -10.51 26.54
C SER B 31 15.66 -10.80 25.06
N ARG B 32 14.81 -11.61 24.43
CA ARG B 32 14.99 -11.96 23.01
C ARG B 32 14.53 -10.79 22.13
N TRP B 33 15.47 -10.15 21.43
CA TRP B 33 15.15 -8.94 20.66
C TRP B 33 14.15 -9.12 19.53
N ASN B 34 14.19 -10.27 18.83
CA ASN B 34 13.21 -10.48 17.76
C ASN B 34 11.77 -10.60 18.24
N LEU B 35 11.58 -10.88 19.53
CA LEU B 35 10.24 -10.89 20.11
C LEU B 35 9.62 -9.50 20.24
N GLN B 36 10.45 -8.45 20.18
CA GLN B 36 9.94 -7.09 20.31
C GLN B 36 8.97 -6.72 19.17
N PRO B 37 9.42 -6.82 17.89
CA PRO B 37 8.45 -6.57 16.82
C PRO B 37 7.32 -7.61 16.74
N LEU B 38 7.62 -8.87 17.05
CA LEU B 38 6.58 -9.91 17.03
C LEU B 38 5.48 -9.62 18.06
N LEU B 39 5.87 -9.18 19.26
CA LEU B 39 4.91 -8.86 20.30
C LEU B 39 4.15 -7.57 20.01
N GLN B 40 4.85 -6.54 19.49
CA GLN B 40 4.15 -5.31 19.15
C GLN B 40 3.13 -5.51 18.03
N SER B 41 3.48 -6.34 17.04
CA SER B 41 2.55 -6.69 15.98
C SER B 41 1.32 -7.39 16.56
N ALA B 42 1.54 -8.38 17.42
CA ALA B 42 0.44 -9.09 18.07
C ALA B 42 -0.46 -8.14 18.84
N GLN B 43 0.15 -7.18 19.54
CA GLN B 43 -0.62 -6.19 20.31
C GLN B 43 -1.48 -5.33 19.37
N LEU B 44 -0.89 -4.87 18.28
CA LEU B 44 -1.58 -3.98 17.36
C LEU B 44 -2.72 -4.65 16.59
N THR B 45 -2.53 -5.92 16.22
CA THR B 45 -3.52 -6.61 15.39
C THR B 45 -4.52 -7.42 16.20
N GLY B 46 -4.37 -7.43 17.51
CA GLY B 46 -5.32 -8.08 18.41
C GLY B 46 -5.19 -9.59 18.46
N MET B 47 -3.97 -10.08 18.26
CA MET B 47 -3.69 -11.50 18.40
C MET B 47 -3.86 -11.96 19.83
N THR B 48 -4.32 -13.19 20.01
CA THR B 48 -4.24 -13.87 21.29
C THR B 48 -2.84 -14.45 21.42
N VAL B 49 -2.14 -14.08 22.49
CA VAL B 49 -0.82 -14.65 22.74
C VAL B 49 -0.86 -15.59 23.95
N THR B 50 -0.07 -16.66 23.87
CA THR B 50 0.10 -17.58 24.98
C THR B 50 1.56 -17.54 25.41
N ILE B 51 1.81 -16.95 26.57
CA ILE B 51 3.14 -16.87 27.14
C ILE B 51 3.46 -18.21 27.80
N LYS B 52 4.59 -18.79 27.45
CA LYS B 52 4.97 -20.11 27.97
C LYS B 52 6.34 -20.05 28.63
N SER B 53 6.46 -20.66 29.81
CA SER B 53 7.70 -20.64 30.57
C SER B 53 7.70 -21.70 31.65
N SER B 54 8.89 -21.99 32.18
CA SER B 54 9.04 -22.88 33.33
C SER B 54 8.48 -22.24 34.60
N THR B 55 8.69 -20.94 34.75
CA THR B 55 8.14 -20.19 35.87
C THR B 55 7.16 -19.13 35.36
N CYS B 56 5.98 -19.07 35.97
CA CYS B 56 4.90 -18.23 35.46
C CYS B 56 4.48 -17.10 36.40
N GLU B 57 5.25 -16.88 37.46
CA GLU B 57 5.03 -15.78 38.39
C GLU B 57 5.04 -14.44 37.65
N SER B 58 4.21 -13.49 38.09
CA SER B 58 4.18 -12.16 37.50
C SER B 58 5.54 -11.49 37.70
N GLY B 59 6.05 -10.90 36.62
CA GLY B 59 7.38 -10.28 36.63
C GLY B 59 8.50 -11.21 36.20
N SER B 60 8.14 -12.41 35.74
CA SER B 60 9.12 -13.42 35.34
C SER B 60 9.47 -13.32 33.85
N GLY B 61 10.58 -13.95 33.47
CA GLY B 61 11.02 -13.97 32.09
C GLY B 61 10.39 -15.08 31.27
N PHE B 62 10.40 -14.91 29.95
CA PHE B 62 9.92 -15.93 29.01
C PHE B 62 10.68 -15.81 27.71
N ALA B 63 10.69 -16.90 26.95
CA ALA B 63 11.31 -16.93 25.63
C ALA B 63 10.53 -17.87 24.70
N GLU B 64 9.33 -18.24 25.13
CA GLU B 64 8.40 -19.01 24.30
C GLU B 64 7.03 -18.34 24.32
N VAL B 65 6.48 -18.13 23.12
CA VAL B 65 5.14 -17.52 23.01
C VAL B 65 4.45 -17.96 21.73
N GLN B 66 3.18 -18.34 21.88
CA GLN B 66 2.36 -18.70 20.72
C GLN B 66 1.48 -17.51 20.30
N PHE B 67 1.34 -17.34 18.99
CA PHE B 67 0.53 -16.27 18.40
C PHE B 67 -0.64 -16.86 17.62
N ASN B 68 -1.85 -16.40 17.94
CA ASN B 68 -3.06 -16.79 17.22
C ASN B 68 -3.84 -15.55 16.79
N ASN B 69 -4.32 -15.53 15.54
CA ASN B 69 -5.22 -14.47 15.11
C ASN B 69 -6.50 -14.45 15.95
N ASP B 70 -6.94 -15.63 16.36
CA ASP B 70 -8.17 -15.77 17.17
C ASP B 70 -7.89 -16.65 18.39
N ALA C 1 10.77 -31.50 -0.69
CA ALA C 1 9.36 -31.68 -1.14
C ALA C 1 8.48 -30.53 -0.68
N ASP C 2 7.42 -30.25 -1.42
CA ASP C 2 6.39 -29.33 -0.95
C ASP C 2 5.55 -30.07 0.10
N CYS C 3 5.73 -29.71 1.36
CA CYS C 3 5.16 -30.45 2.48
C CYS C 3 3.74 -30.04 2.85
N ALA C 4 3.51 -28.74 2.86
CA ALA C 4 2.24 -28.20 3.33
C ALA C 4 2.00 -26.88 2.65
N LYS C 5 0.76 -26.69 2.18
CA LYS C 5 0.38 -25.44 1.56
C LYS C 5 -0.94 -24.98 2.16
N GLY C 6 -0.95 -23.75 2.65
CA GLY C 6 -2.15 -23.19 3.25
C GLY C 6 -1.83 -22.01 4.12
N LYS C 7 -2.84 -21.53 4.84
CA LYS C 7 -2.63 -20.41 5.74
C LYS C 7 -1.97 -20.91 7.02
N ILE C 8 -1.27 -20.00 7.70
CA ILE C 8 -0.67 -20.30 8.99
C ILE C 8 -1.76 -20.29 10.05
N GLU C 9 -1.88 -21.39 10.78
CA GLU C 9 -2.95 -21.61 11.77
C GLU C 9 -2.57 -21.06 13.15
N PHE C 10 -1.28 -21.18 13.47
CA PHE C 10 -0.67 -20.46 14.59
C PHE C 10 0.84 -20.35 14.32
N SER C 11 1.50 -19.42 15.00
CA SER C 11 2.95 -19.37 14.99
C SER C 11 3.46 -19.39 16.43
N LYS C 12 4.72 -19.76 16.61
CA LYS C 12 5.28 -19.81 17.96
C LYS C 12 6.77 -19.53 17.95
N TYR C 13 7.19 -18.62 18.82
CA TYR C 13 8.61 -18.39 19.05
C TYR C 13 9.05 -19.39 20.11
N ASN C 14 10.13 -20.11 19.82
CA ASN C 14 10.62 -21.16 20.70
C ASN C 14 11.82 -20.73 21.53
N GLU C 15 12.02 -21.40 22.65
CA GLU C 15 13.10 -21.07 23.59
C GLU C 15 14.51 -21.18 23.00
N ASP C 16 14.67 -22.03 21.98
CA ASP C 16 15.96 -22.16 21.30
C ASP C 16 16.11 -21.14 20.16
N ASP C 17 15.16 -20.21 20.09
CA ASP C 17 15.13 -19.12 19.09
C ASP C 17 14.70 -19.55 17.69
N THR C 18 14.29 -20.81 17.56
CA THR C 18 13.64 -21.23 16.33
C THR C 18 12.18 -20.77 16.36
N PHE C 19 11.50 -20.95 15.25
CA PHE C 19 10.16 -20.39 15.07
C PHE C 19 9.29 -21.43 14.40
N THR C 20 8.11 -21.67 14.96
CA THR C 20 7.23 -22.72 14.48
C THR C 20 5.99 -22.13 13.84
N VAL C 21 5.54 -22.74 12.75
CA VAL C 21 4.24 -22.43 12.14
C VAL C 21 3.45 -23.71 11.94
N LYS C 22 2.13 -23.62 12.08
CA LYS C 22 1.25 -24.74 11.78
C LYS C 22 0.59 -24.46 10.44
N VAL C 23 0.81 -25.36 9.49
CA VAL C 23 0.27 -25.20 8.13
C VAL C 23 -0.32 -26.55 7.72
N ASP C 24 -1.55 -26.52 7.20
CA ASP C 24 -2.27 -27.73 6.79
C ASP C 24 -2.28 -28.80 7.91
N GLY C 25 -2.48 -28.34 9.14
CA GLY C 25 -2.58 -29.22 10.30
C GLY C 25 -1.28 -29.82 10.82
N LYS C 26 -0.15 -29.38 10.26
CA LYS C 26 1.15 -29.91 10.66
C LYS C 26 2.07 -28.77 11.12
N GLU C 27 2.87 -29.06 12.14
CA GLU C 27 3.79 -28.08 12.71
C GLU C 27 5.17 -28.19 12.09
N TYR C 28 5.76 -27.05 11.77
CA TYR C 28 7.10 -27.00 11.19
C TYR C 28 7.90 -25.90 11.86
N TRP C 29 9.18 -26.16 12.09
CA TRP C 29 10.04 -25.17 12.76
C TRP C 29 11.16 -24.75 11.81
N THR C 30 11.62 -23.51 11.98
CA THR C 30 12.76 -23.01 11.22
C THR C 30 13.73 -22.26 12.13
N SER C 31 15.03 -22.42 11.86
CA SER C 31 16.04 -21.66 12.57
C SER C 31 16.49 -20.43 11.78
N ARG C 32 15.84 -20.17 10.65
CA ARG C 32 16.19 -19.01 9.84
C ARG C 32 15.57 -17.77 10.47
N TRP C 33 16.43 -16.94 11.08
CA TRP C 33 16.00 -15.75 11.81
C TRP C 33 15.09 -14.81 11.03
N ASN C 34 15.43 -14.58 9.76
CA ASN C 34 14.68 -13.65 8.93
C ASN C 34 13.26 -14.08 8.63
N LEU C 35 12.97 -15.37 8.79
CA LEU C 35 11.62 -15.87 8.51
C LEU C 35 10.61 -15.50 9.58
N GLN C 36 11.09 -15.10 10.76
CA GLN C 36 10.17 -14.88 11.89
C GLN C 36 9.15 -13.75 11.61
N PRO C 37 9.62 -12.53 11.28
CA PRO C 37 8.61 -11.50 11.01
C PRO C 37 7.88 -11.71 9.67
N LEU C 38 8.55 -12.33 8.71
CA LEU C 38 7.94 -12.59 7.40
C LEU C 38 6.79 -13.56 7.54
N LEU C 39 6.98 -14.59 8.38
CA LEU C 39 5.93 -15.56 8.61
C LEU C 39 4.78 -14.97 9.43
N GLN C 40 5.11 -14.17 10.45
CA GLN C 40 4.05 -13.55 11.25
C GLN C 40 3.18 -12.61 10.43
N SER C 41 3.80 -11.84 9.53
CA SER C 41 3.01 -10.98 8.66
C SER C 41 2.14 -11.77 7.69
N ALA C 42 2.67 -12.87 7.16
CA ALA C 42 1.87 -13.79 6.35
C ALA C 42 0.69 -14.30 7.16
N GLN C 43 0.95 -14.66 8.42
CA GLN C 43 -0.10 -15.15 9.32
C GLN C 43 -1.22 -14.12 9.53
N LEU C 44 -0.84 -12.88 9.83
CA LEU C 44 -1.86 -11.89 10.19
C LEU C 44 -2.77 -11.51 9.02
N THR C 45 -2.25 -11.60 7.79
CA THR C 45 -3.04 -11.25 6.59
C THR C 45 -3.71 -12.45 5.91
N GLY C 46 -3.41 -13.66 6.39
CA GLY C 46 -3.98 -14.88 5.82
C GLY C 46 -3.35 -15.25 4.48
N MET C 47 -2.08 -14.93 4.32
CA MET C 47 -1.33 -15.29 3.14
C MET C 47 -1.12 -16.81 3.11
N THR C 48 -1.27 -17.40 1.93
CA THR C 48 -1.01 -18.83 1.76
C THR C 48 0.50 -19.05 1.62
N VAL C 49 1.04 -19.96 2.42
CA VAL C 49 2.46 -20.31 2.33
C VAL C 49 2.64 -21.77 1.95
N THR C 50 3.74 -22.07 1.27
CA THR C 50 4.13 -23.45 0.99
C THR C 50 5.42 -23.76 1.73
N ILE C 51 5.34 -24.70 2.67
CA ILE C 51 6.51 -25.14 3.44
C ILE C 51 7.23 -26.22 2.64
N LYS C 52 8.55 -26.06 2.47
CA LYS C 52 9.33 -27.02 1.70
C LYS C 52 10.40 -27.62 2.58
N SER C 53 10.48 -28.95 2.60
CA SER C 53 11.43 -29.66 3.47
C SER C 53 11.72 -31.08 2.98
N SER C 54 12.77 -31.67 3.54
CA SER C 54 13.14 -33.06 3.27
C SER C 54 12.12 -34.05 3.81
N THR C 55 11.46 -33.67 4.91
CA THR C 55 10.45 -34.52 5.56
C THR C 55 9.23 -33.67 5.84
N CYS C 56 8.05 -34.27 5.74
CA CYS C 56 6.82 -33.50 5.83
C CYS C 56 5.98 -33.78 7.08
N GLU C 57 6.43 -34.72 7.90
CA GLU C 57 5.74 -35.03 9.15
C GLU C 57 5.69 -33.81 10.05
N SER C 58 4.60 -33.66 10.81
CA SER C 58 4.53 -32.62 11.82
C SER C 58 5.75 -32.76 12.74
N GLY C 59 6.40 -31.64 13.04
CA GLY C 59 7.63 -31.63 13.83
C GLY C 59 8.89 -31.51 12.99
N SER C 60 8.73 -31.46 11.67
CA SER C 60 9.87 -31.33 10.75
C SER C 60 10.42 -29.91 10.69
N GLY C 61 11.70 -29.80 10.33
CA GLY C 61 12.33 -28.50 10.13
C GLY C 61 12.22 -28.04 8.69
N PHE C 62 12.28 -26.73 8.49
CA PHE C 62 12.35 -26.18 7.14
C PHE C 62 13.29 -24.99 7.06
N ALA C 63 13.84 -24.77 5.88
CA ALA C 63 14.65 -23.59 5.61
C ALA C 63 14.22 -22.93 4.31
N GLU C 64 13.10 -23.38 3.76
CA GLU C 64 12.58 -22.86 2.50
C GLU C 64 11.07 -22.70 2.61
N VAL C 65 10.56 -21.57 2.16
CA VAL C 65 9.11 -21.32 2.21
C VAL C 65 8.73 -20.35 1.11
N GLN C 66 7.63 -20.65 0.43
CA GLN C 66 7.13 -19.78 -0.62
C GLN C 66 5.90 -19.03 -0.11
N PHE C 67 5.84 -17.74 -0.40
CA PHE C 67 4.74 -16.88 0.01
C PHE C 67 3.90 -16.62 -1.23
N ASN C 68 2.66 -17.14 -1.22
CA ASN C 68 1.79 -17.13 -2.39
C ASN C 68 0.71 -16.06 -2.31
N ASN C 69 0.10 -15.74 -3.45
CA ASN C 69 -0.97 -14.74 -3.49
C ASN C 69 -2.38 -15.34 -3.57
N ASP C 70 -2.48 -16.66 -3.37
CA ASP C 70 -3.75 -17.39 -3.37
C ASP C 70 -4.75 -16.84 -2.35
N ALA D 1 20.60 -4.01 -17.39
CA ALA D 1 19.41 -4.19 -18.27
C ALA D 1 18.12 -4.11 -17.46
N ASP D 2 17.04 -3.64 -18.10
CA ASP D 2 15.72 -3.62 -17.49
C ASP D 2 15.07 -4.99 -17.59
N CYS D 3 15.10 -5.73 -16.49
CA CYS D 3 14.67 -7.13 -16.51
C CYS D 3 13.17 -7.33 -16.42
N ALA D 4 12.58 -6.70 -15.40
CA ALA D 4 11.17 -6.91 -15.13
C ALA D 4 10.61 -5.68 -14.44
N LYS D 5 9.33 -5.44 -14.69
CA LYS D 5 8.61 -4.36 -14.04
C LYS D 5 7.18 -4.84 -13.88
N GLY D 6 6.79 -5.11 -12.64
CA GLY D 6 5.47 -5.63 -12.38
C GLY D 6 5.29 -5.92 -10.92
N LYS D 7 4.16 -6.53 -10.58
CA LYS D 7 3.90 -6.93 -9.19
C LYS D 7 4.53 -8.26 -8.90
N ILE D 8 4.83 -8.50 -7.64
CA ILE D 8 5.42 -9.75 -7.18
C ILE D 8 4.33 -10.81 -7.12
N GLU D 9 4.51 -11.86 -7.93
CA GLU D 9 3.53 -12.96 -8.06
C GLU D 9 3.67 -13.96 -6.92
N PHE D 10 4.91 -14.22 -6.53
CA PHE D 10 5.22 -14.92 -5.29
C PHE D 10 6.62 -14.56 -4.83
N SER D 11 6.90 -14.81 -3.56
CA SER D 11 8.25 -14.68 -3.06
C SER D 11 8.65 -15.97 -2.38
N LYS D 12 9.95 -16.19 -2.24
CA LYS D 12 10.43 -17.43 -1.65
C LYS D 12 11.73 -17.20 -0.89
N TYR D 13 11.80 -17.70 0.33
CA TYR D 13 13.03 -17.75 1.09
C TYR D 13 13.72 -19.07 0.72
N ASN D 14 14.96 -18.97 0.26
CA ASN D 14 15.71 -20.12 -0.25
C ASN D 14 16.64 -20.74 0.81
N GLU D 15 16.96 -22.02 0.62
CA GLU D 15 17.83 -22.76 1.53
C GLU D 15 19.21 -22.10 1.74
N ASP D 16 19.68 -21.38 0.73
CA ASP D 16 20.98 -20.68 0.82
C ASP D 16 20.83 -19.26 1.40
N ASP D 17 19.64 -18.97 1.94
CA ASP D 17 19.30 -17.68 2.58
C ASP D 17 19.09 -16.52 1.60
N THR D 18 19.17 -16.80 0.30
CA THR D 18 18.78 -15.79 -0.68
C THR D 18 17.26 -15.73 -0.76
N PHE D 19 16.76 -14.72 -1.46
CA PHE D 19 15.33 -14.45 -1.49
C PHE D 19 14.92 -14.29 -2.96
N THR D 20 13.88 -15.00 -3.37
CA THR D 20 13.42 -14.98 -4.75
C THR D 20 12.07 -14.30 -4.89
N VAL D 21 11.93 -13.51 -5.95
CA VAL D 21 10.63 -12.98 -6.34
C VAL D 21 10.33 -13.36 -7.79
N LYS D 22 9.05 -13.62 -8.07
CA LYS D 22 8.59 -13.79 -9.44
C LYS D 22 7.92 -12.52 -9.90
N VAL D 23 8.48 -11.92 -10.96
CA VAL D 23 7.97 -10.68 -11.54
C VAL D 23 7.94 -10.85 -13.05
N ASP D 24 6.79 -10.50 -13.65
CA ASP D 24 6.56 -10.64 -15.10
C ASP D 24 6.91 -12.03 -15.63
N GLY D 25 6.55 -13.05 -14.86
CA GLY D 25 6.68 -14.44 -15.28
C GLY D 25 8.07 -15.04 -15.14
N LYS D 26 9.00 -14.27 -14.57
CA LYS D 26 10.38 -14.73 -14.40
C LYS D 26 10.79 -14.63 -12.94
N GLU D 27 11.64 -15.58 -12.52
CA GLU D 27 12.13 -15.62 -11.13
C GLU D 27 13.50 -14.98 -11.02
N TYR D 28 13.67 -14.15 -9.98
CA TYR D 28 14.92 -13.46 -9.72
C TYR D 28 15.26 -13.59 -8.25
N TRP D 29 16.53 -13.84 -7.95
CA TRP D 29 16.97 -14.01 -6.57
C TRP D 29 17.90 -12.88 -6.15
N THR D 30 17.91 -12.58 -4.87
CA THR D 30 18.86 -11.62 -4.32
C THR D 30 19.44 -12.14 -3.01
N SER D 31 20.73 -11.89 -2.81
CA SER D 31 21.36 -12.22 -1.53
C SER D 31 21.44 -10.99 -0.61
N ARG D 32 20.94 -9.85 -1.09
CA ARG D 32 20.98 -8.61 -0.30
C ARG D 32 19.99 -8.72 0.85
N TRP D 33 20.53 -8.82 2.07
CA TRP D 33 19.73 -9.08 3.26
C TRP D 33 18.70 -7.98 3.53
N ASN D 34 19.06 -6.74 3.22
CA ASN D 34 18.20 -5.58 3.46
C ASN D 34 16.89 -5.67 2.69
N LEU D 35 16.91 -6.37 1.55
CA LEU D 35 15.77 -6.39 0.63
C LEU D 35 14.63 -7.32 1.04
N GLN D 36 14.90 -8.25 1.95
CA GLN D 36 13.88 -9.25 2.27
C GLN D 36 12.55 -8.67 2.79
N PRO D 37 12.58 -7.89 3.90
CA PRO D 37 11.30 -7.29 4.32
C PRO D 37 10.74 -6.31 3.29
N LEU D 38 11.62 -5.63 2.57
CA LEU D 38 11.17 -4.63 1.60
C LEU D 38 10.41 -5.29 0.43
N LEU D 39 10.93 -6.41 -0.04
CA LEU D 39 10.27 -7.17 -1.09
C LEU D 39 8.95 -7.77 -0.63
N GLN D 40 8.91 -8.30 0.60
CA GLN D 40 7.63 -8.80 1.11
C GLN D 40 6.60 -7.69 1.26
N SER D 41 7.03 -6.53 1.74
CA SER D 41 6.12 -5.38 1.86
C SER D 41 5.56 -4.98 0.48
N ALA D 42 6.42 -5.03 -0.54
CA ALA D 42 6.00 -4.75 -1.91
C ALA D 42 4.96 -5.75 -2.40
N GLN D 43 5.19 -7.03 -2.11
CA GLN D 43 4.26 -8.08 -2.48
C GLN D 43 2.91 -7.89 -1.78
N LEU D 44 2.98 -7.58 -0.48
CA LEU D 44 1.78 -7.41 0.35
C LEU D 44 0.87 -6.28 -0.14
N THR D 45 1.48 -5.21 -0.64
CA THR D 45 0.73 -4.01 -1.01
C THR D 45 0.56 -3.87 -2.51
N GLY D 46 1.03 -4.89 -3.25
CA GLY D 46 0.91 -4.91 -4.70
C GLY D 46 1.68 -3.78 -5.39
N MET D 47 2.82 -3.43 -4.83
CA MET D 47 3.72 -2.43 -5.43
C MET D 47 4.26 -2.95 -6.75
N THR D 48 4.37 -2.07 -7.74
CA THR D 48 5.13 -2.39 -8.93
C THR D 48 6.61 -2.28 -8.61
N VAL D 49 7.34 -3.37 -8.82
CA VAL D 49 8.79 -3.36 -8.63
C VAL D 49 9.50 -3.40 -9.98
N THR D 50 10.62 -2.69 -10.07
CA THR D 50 11.44 -2.73 -11.27
C THR D 50 12.75 -3.40 -10.88
N ILE D 51 12.99 -4.58 -11.46
CA ILE D 51 14.21 -5.35 -11.25
C ILE D 51 15.19 -5.01 -12.38
N LYS D 52 16.41 -4.62 -12.01
CA LYS D 52 17.46 -4.37 -12.98
C LYS D 52 18.64 -5.27 -12.64
N SER D 53 19.25 -5.85 -13.66
CA SER D 53 20.39 -6.76 -13.49
C SER D 53 21.11 -6.92 -14.82
N SER D 54 22.34 -7.42 -14.76
CA SER D 54 23.13 -7.60 -15.98
C SER D 54 22.62 -8.73 -16.87
N THR D 55 21.89 -9.69 -16.30
CA THR D 55 21.20 -10.73 -17.08
C THR D 55 19.73 -10.77 -16.68
N CYS D 56 18.84 -11.05 -17.63
CA CYS D 56 17.41 -11.02 -17.31
C CYS D 56 16.67 -12.35 -17.46
N GLU D 57 17.40 -13.41 -17.83
CA GLU D 57 16.82 -14.75 -17.85
C GLU D 57 16.30 -15.12 -16.48
N SER D 58 15.19 -15.84 -16.45
CA SER D 58 14.68 -16.41 -15.20
C SER D 58 15.78 -17.21 -14.52
N GLY D 59 15.97 -16.96 -13.22
CA GLY D 59 17.05 -17.58 -12.45
C GLY D 59 18.24 -16.66 -12.26
N SER D 60 18.15 -15.45 -12.81
CA SER D 60 19.20 -14.43 -12.66
C SER D 60 19.16 -13.80 -11.27
N GLY D 61 20.30 -13.33 -10.79
CA GLY D 61 20.37 -12.61 -9.53
C GLY D 61 20.25 -11.13 -9.75
N PHE D 62 19.89 -10.40 -8.70
CA PHE D 62 19.82 -8.94 -8.76
C PHE D 62 20.20 -8.33 -7.42
N ALA D 63 20.56 -7.05 -7.45
CA ALA D 63 20.87 -6.29 -6.26
C ALA D 63 20.33 -4.87 -6.38
N GLU D 64 19.62 -4.61 -7.48
CA GLU D 64 19.02 -3.29 -7.75
C GLU D 64 17.52 -3.45 -8.00
N VAL D 65 16.71 -2.71 -7.22
CA VAL D 65 15.26 -2.79 -7.34
C VAL D 65 14.61 -1.46 -6.97
N GLN D 66 13.68 -1.02 -7.81
CA GLN D 66 12.89 0.18 -7.54
C GLN D 66 11.48 -0.19 -7.09
N PHE D 67 11.00 0.53 -6.08
CA PHE D 67 9.66 0.33 -5.51
C PHE D 67 8.78 1.50 -5.92
N ASN D 68 7.79 1.21 -6.76
CA ASN D 68 6.91 2.25 -7.31
C ASN D 68 5.53 2.21 -6.69
N ASN D 69 4.84 3.36 -6.70
CA ASN D 69 3.48 3.47 -6.17
C ASN D 69 2.41 3.20 -7.24
N ASP D 70 2.86 3.04 -8.48
CA ASP D 70 1.96 2.91 -9.64
C ASP D 70 1.73 1.45 -10.03
N ALA E 1 18.83 22.12 7.72
CA ALA E 1 17.88 22.79 6.78
C ALA E 1 16.95 21.77 6.12
N ASP E 2 15.74 22.20 5.78
CA ASP E 2 14.78 21.34 5.12
C ASP E 2 15.02 21.31 3.61
N CYS E 3 15.38 20.14 3.10
CA CYS E 3 15.71 19.96 1.68
C CYS E 3 14.47 19.71 0.85
N ALA E 4 13.60 18.83 1.34
CA ALA E 4 12.40 18.44 0.63
C ALA E 4 11.35 17.96 1.61
N LYS E 5 10.09 18.24 1.31
CA LYS E 5 8.97 17.81 2.12
C LYS E 5 7.85 17.29 1.24
N GLY E 6 7.36 16.10 1.57
CA GLY E 6 6.24 15.50 0.85
C GLY E 6 6.21 13.99 1.01
N LYS E 7 5.28 13.35 0.31
CA LYS E 7 5.22 11.89 0.29
C LYS E 7 6.35 11.36 -0.60
N ILE E 8 6.73 10.11 -0.36
CA ILE E 8 7.77 9.47 -1.18
C ILE E 8 7.18 8.98 -2.50
N GLU E 9 7.75 9.46 -3.60
CA GLU E 9 7.26 9.12 -4.95
C GLU E 9 7.73 7.74 -5.40
N PHE E 10 8.98 7.41 -5.10
CA PHE E 10 9.50 6.06 -5.26
C PHE E 10 10.69 5.88 -4.35
N SER E 11 11.05 4.63 -4.08
CA SER E 11 12.31 4.31 -3.42
C SER E 11 13.05 3.28 -4.26
N LYS E 12 14.36 3.20 -4.09
CA LYS E 12 15.17 2.34 -4.92
C LYS E 12 16.45 1.96 -4.19
N TYR E 13 16.73 0.66 -4.14
CA TYR E 13 18.02 0.20 -3.66
C TYR E 13 18.93 -0.05 -4.85
N ASN E 14 20.15 0.48 -4.77
CA ASN E 14 21.10 0.41 -5.88
C ASN E 14 22.19 -0.61 -5.61
N GLU E 15 22.82 -1.12 -6.68
CA GLU E 15 23.87 -2.13 -6.55
C GLU E 15 25.02 -1.67 -5.65
N ASP E 16 25.28 -0.36 -5.65
CA ASP E 16 26.34 0.24 -4.84
C ASP E 16 25.95 0.49 -3.36
N ASP E 17 24.88 -0.15 -2.91
CA ASP E 17 24.45 -0.09 -1.50
C ASP E 17 24.05 1.33 -1.06
N THR E 18 23.32 2.01 -1.95
CA THR E 18 22.67 3.29 -1.61
C THR E 18 21.18 3.11 -1.77
N PHE E 19 20.41 3.84 -0.96
CA PHE E 19 18.95 3.78 -1.01
C PHE E 19 18.42 5.17 -1.38
N THR E 20 17.82 5.26 -2.56
CA THR E 20 17.30 6.53 -3.10
C THR E 20 15.83 6.68 -2.79
N VAL E 21 15.42 7.90 -2.39
CA VAL E 21 14.01 8.26 -2.35
C VAL E 21 13.78 9.52 -3.16
N LYS E 22 12.63 9.60 -3.80
CA LYS E 22 12.22 10.83 -4.48
C LYS E 22 11.15 11.52 -3.65
N VAL E 23 11.44 12.77 -3.27
CA VAL E 23 10.54 13.57 -2.45
C VAL E 23 10.46 14.95 -3.08
N ASP E 24 9.24 15.41 -3.34
CA ASP E 24 8.98 16.72 -3.96
C ASP E 24 9.79 16.94 -5.24
N GLY E 25 9.83 15.92 -6.09
CA GLY E 25 10.49 15.99 -7.38
C GLY E 25 12.02 15.93 -7.35
N LYS E 26 12.59 15.67 -6.18
CA LYS E 26 14.04 15.63 -6.01
C LYS E 26 14.46 14.29 -5.45
N GLU E 27 15.60 13.79 -5.94
CA GLU E 27 16.14 12.51 -5.49
C GLU E 27 17.24 12.73 -4.45
N TYR E 28 17.16 11.94 -3.38
CA TYR E 28 18.15 11.95 -2.30
C TYR E 28 18.46 10.50 -1.97
N TRP E 29 19.63 10.26 -1.40
CA TRP E 29 20.02 8.90 -1.06
C TRP E 29 20.60 8.79 0.34
N THR E 30 20.48 7.61 0.92
CA THR E 30 21.10 7.29 2.20
C THR E 30 21.68 5.88 2.17
N SER E 31 22.80 5.67 2.85
CA SER E 31 23.34 4.32 3.00
C SER E 31 23.12 3.77 4.41
N ARG E 32 22.33 4.50 5.21
CA ARG E 32 21.92 4.01 6.52
C ARG E 32 20.86 2.94 6.34
N TRP E 33 21.19 1.68 6.65
CA TRP E 33 20.20 0.61 6.55
C TRP E 33 19.03 0.82 7.52
N ASN E 34 19.29 1.48 8.64
CA ASN E 34 18.21 1.82 9.58
C ASN E 34 17.06 2.53 8.87
N LEU E 35 17.42 3.38 7.91
CA LEU E 35 16.44 4.20 7.21
C LEU E 35 15.63 3.46 6.17
N GLN E 36 16.11 2.31 5.71
CA GLN E 36 15.40 1.59 4.64
C GLN E 36 13.98 1.15 5.03
N PRO E 37 13.82 0.41 6.14
CA PRO E 37 12.45 0.04 6.52
C PRO E 37 11.61 1.26 6.91
N LEU E 38 12.23 2.23 7.56
CA LEU E 38 11.52 3.46 7.96
C LEU E 38 11.01 4.22 6.74
N LEU E 39 11.88 4.40 5.75
CA LEU E 39 11.49 5.12 4.54
C LEU E 39 10.48 4.35 3.71
N GLN E 40 10.65 3.03 3.59
CA GLN E 40 9.69 2.25 2.80
C GLN E 40 8.31 2.23 3.49
N SER E 41 8.30 2.09 4.81
CA SER E 41 7.04 2.15 5.56
C SER E 41 6.37 3.50 5.37
N ALA E 42 7.16 4.57 5.39
CA ALA E 42 6.64 5.92 5.12
C ALA E 42 6.06 5.99 3.71
N GLN E 43 6.75 5.40 2.73
CA GLN E 43 6.27 5.38 1.36
C GLN E 43 4.93 4.66 1.23
N LEU E 44 4.83 3.46 1.78
CA LEU E 44 3.65 2.64 1.59
C LEU E 44 2.43 3.11 2.40
N THR E 45 2.66 3.88 3.46
CA THR E 45 1.57 4.42 4.30
C THR E 45 1.25 5.88 3.99
N GLY E 46 2.01 6.49 3.08
CA GLY E 46 1.74 7.86 2.65
C GLY E 46 2.09 8.92 3.69
N MET E 47 3.12 8.65 4.48
CA MET E 47 3.61 9.64 5.44
C MET E 47 4.22 10.82 4.72
N THR E 48 4.17 11.99 5.35
CA THR E 48 4.90 13.14 4.85
C THR E 48 6.30 13.09 5.44
N VAL E 49 7.31 13.07 4.59
CA VAL E 49 8.68 13.04 5.07
C VAL E 49 9.37 14.37 4.79
N THR E 50 10.21 14.80 5.73
CA THR E 50 11.02 15.98 5.53
C THR E 50 12.49 15.58 5.57
N ILE E 51 13.13 15.65 4.39
CA ILE E 51 14.55 15.36 4.27
C ILE E 51 15.32 16.57 4.79
N LYS E 52 16.25 16.31 5.71
CA LYS E 52 17.04 17.38 6.33
C LYS E 52 18.52 17.12 6.18
N SER E 53 19.26 18.20 5.92
CA SER E 53 20.72 18.16 5.80
C SER E 53 21.31 19.55 6.08
N SER E 54 22.58 19.58 6.44
CA SER E 54 23.30 20.84 6.65
C SER E 54 23.37 21.63 5.34
N THR E 55 23.53 20.89 4.24
CA THR E 55 23.53 21.48 2.89
C THR E 55 22.56 20.71 2.00
N CYS E 56 21.52 21.40 1.53
CA CYS E 56 20.48 20.78 0.72
C CYS E 56 20.75 20.95 -0.77
N GLU E 57 20.79 19.83 -1.48
CA GLU E 57 21.00 19.79 -2.92
C GLU E 57 20.54 18.49 -3.55
N SER E 58 20.34 18.51 -4.86
CA SER E 58 19.88 17.35 -5.62
C SER E 58 20.91 16.23 -5.61
N GLY E 59 20.43 14.99 -5.43
CA GLY E 59 21.26 13.80 -5.50
C GLY E 59 22.29 13.65 -4.39
N SER E 60 22.05 14.32 -3.27
CA SER E 60 22.97 14.31 -2.14
C SER E 60 22.57 13.28 -1.09
N GLY E 61 23.54 12.91 -0.25
CA GLY E 61 23.30 12.00 0.85
C GLY E 61 22.54 12.69 1.98
N PHE E 62 21.80 11.90 2.75
CA PHE E 62 21.11 12.41 3.93
C PHE E 62 21.08 11.37 5.03
N ALA E 63 20.96 11.84 6.28
CA ALA E 63 20.83 10.95 7.43
C ALA E 63 19.92 11.56 8.49
N GLU E 64 19.18 12.61 8.10
CA GLU E 64 18.18 13.21 8.97
C GLU E 64 16.87 13.31 8.21
N VAL E 65 15.81 12.75 8.77
CA VAL E 65 14.49 12.80 8.14
C VAL E 65 13.38 12.76 9.17
N GLN E 66 12.45 13.70 9.05
CA GLN E 66 11.28 13.72 9.91
C GLN E 66 10.12 12.99 9.24
N PHE E 67 9.33 12.29 10.04
CA PHE E 67 8.17 11.55 9.58
C PHE E 67 6.91 12.10 10.25
N ASN E 68 5.91 12.44 9.43
CA ASN E 68 4.59 12.84 9.91
C ASN E 68 3.50 12.03 9.23
N ASN E 69 2.46 11.68 9.98
CA ASN E 69 1.28 11.06 9.37
C ASN E 69 0.62 11.96 8.34
N ASP E 70 0.56 13.26 8.67
CA ASP E 70 -0.01 14.33 7.82
C ASP E 70 -0.65 15.42 8.67
N ALA F 1 10.46 8.24 35.91
CA ALA F 1 9.13 8.90 36.01
C ALA F 1 8.49 9.07 34.64
N ASP F 2 7.16 9.16 34.61
CA ASP F 2 6.41 9.36 33.37
C ASP F 2 6.60 10.79 32.87
N CYS F 3 7.36 10.94 31.79
CA CYS F 3 7.70 12.26 31.25
C CYS F 3 6.58 12.85 30.41
N ALA F 4 6.02 12.02 29.53
CA ALA F 4 5.01 12.44 28.58
C ALA F 4 4.17 11.25 28.18
N LYS F 5 2.86 11.48 28.09
CA LYS F 5 1.94 10.44 27.64
C LYS F 5 1.02 11.01 26.57
N GLY F 6 0.94 10.29 25.45
CA GLY F 6 0.10 10.70 24.34
C GLY F 6 0.53 10.06 23.03
N LYS F 7 -0.05 10.53 21.94
CA LYS F 7 0.29 10.01 20.62
C LYS F 7 1.54 10.69 20.12
N ILE F 8 2.28 10.00 19.27
CA ILE F 8 3.49 10.56 18.67
C ILE F 8 3.08 11.59 17.61
N GLU F 9 3.51 12.83 17.80
CA GLU F 9 3.16 13.94 16.92
C GLU F 9 4.02 13.96 15.66
N PHE F 10 5.32 13.71 15.84
CA PHE F 10 6.23 13.41 14.73
C PHE F 10 7.36 12.55 15.24
N SER F 11 8.05 11.88 14.33
CA SER F 11 9.29 11.19 14.67
C SER F 11 10.38 11.69 13.74
N LYS F 12 11.63 11.51 14.14
CA LYS F 12 12.75 11.99 13.34
C LYS F 12 13.97 11.10 13.51
N TYR F 13 14.51 10.64 12.39
CA TYR F 13 15.79 9.96 12.38
C TYR F 13 16.88 11.02 12.33
N ASN F 14 17.86 10.89 13.22
CA ASN F 14 18.93 11.89 13.38
C ASN F 14 20.26 11.40 12.82
N GLU F 15 21.10 12.36 12.43
CA GLU F 15 22.39 12.07 11.77
C GLU F 15 23.35 11.22 12.61
N ASP F 16 23.20 11.26 13.93
CA ASP F 16 24.00 10.42 14.82
C ASP F 16 23.36 9.05 15.11
N ASP F 17 22.36 8.72 14.30
CA ASP F 17 21.60 7.45 14.40
C ASP F 17 20.74 7.33 15.66
N THR F 18 20.49 8.47 16.31
CA THR F 18 19.48 8.51 17.36
C THR F 18 18.13 8.82 16.72
N PHE F 19 17.07 8.77 17.53
CA PHE F 19 15.71 8.85 17.02
C PHE F 19 14.88 9.69 17.96
N THR F 20 14.23 10.71 17.41
CA THR F 20 13.44 11.66 18.19
C THR F 20 11.95 11.42 17.99
N VAL F 21 11.19 11.56 19.07
CA VAL F 21 9.73 11.61 18.98
C VAL F 21 9.21 12.83 19.74
N LYS F 22 8.10 13.39 19.26
CA LYS F 22 7.40 14.45 19.99
C LYS F 22 6.12 13.86 20.58
N VAL F 23 6.01 13.94 21.89
CA VAL F 23 4.87 13.39 22.64
C VAL F 23 4.40 14.45 23.63
N ASP F 24 3.10 14.73 23.61
CA ASP F 24 2.48 15.76 24.46
C ASP F 24 3.21 17.09 24.41
N GLY F 25 3.63 17.49 23.20
CA GLY F 25 4.26 18.79 22.99
C GLY F 25 5.72 18.88 23.40
N LYS F 26 6.30 17.73 23.74
CA LYS F 26 7.69 17.66 24.21
C LYS F 26 8.48 16.66 23.37
N GLU F 27 9.74 17.00 23.11
CA GLU F 27 10.62 16.16 22.28
C GLU F 27 11.57 15.32 23.13
N TYR F 28 11.72 14.06 22.74
CA TYR F 28 12.60 13.12 23.43
C TYR F 28 13.33 12.28 22.41
N TRP F 29 14.57 11.92 22.70
CA TRP F 29 15.37 11.13 21.77
C TRP F 29 15.89 9.86 22.43
N THR F 30 16.12 8.84 21.60
CA THR F 30 16.66 7.59 22.08
C THR F 30 17.80 7.10 21.19
N SER F 31 18.81 6.51 21.82
CA SER F 31 19.93 5.93 21.08
C SER F 31 19.73 4.43 20.83
N ARG F 32 18.60 3.89 21.29
CA ARG F 32 18.32 2.48 21.11
C ARG F 32 17.71 2.25 19.73
N TRP F 33 18.50 1.63 18.85
CA TRP F 33 18.07 1.39 17.47
C TRP F 33 16.79 0.56 17.37
N ASN F 34 16.63 -0.40 18.28
CA ASN F 34 15.45 -1.27 18.26
C ASN F 34 14.14 -0.51 18.37
N LEU F 35 14.20 0.65 19.03
CA LEU F 35 13.01 1.48 19.21
C LEU F 35 12.52 2.18 17.95
N GLN F 36 13.38 2.30 16.94
CA GLN F 36 13.04 3.08 15.74
C GLN F 36 11.79 2.59 14.99
N PRO F 37 11.78 1.31 14.54
CA PRO F 37 10.58 0.83 13.85
C PRO F 37 9.39 0.63 14.79
N LEU F 38 9.65 0.34 16.06
CA LEU F 38 8.58 0.19 17.04
C LEU F 38 7.86 1.52 17.28
N LEU F 39 8.64 2.60 17.34
CA LEU F 39 8.04 3.93 17.50
C LEU F 39 7.33 4.34 16.22
N GLN F 40 7.88 3.97 15.07
CA GLN F 40 7.20 4.27 13.80
C GLN F 40 5.85 3.57 13.73
N SER F 41 5.80 2.29 14.09
CA SER F 41 4.55 1.53 14.12
C SER F 41 3.55 2.17 15.07
N ALA F 42 4.03 2.56 16.25
CA ALA F 42 3.20 3.28 17.22
C ALA F 42 2.62 4.58 16.65
N GLN F 43 3.46 5.35 15.96
CA GLN F 43 3.05 6.62 15.35
C GLN F 43 2.00 6.41 14.26
N LEU F 44 2.27 5.45 13.37
CA LEU F 44 1.36 5.13 12.27
C LEU F 44 -0.03 4.74 12.74
N THR F 45 -0.09 4.00 13.85
CA THR F 45 -1.34 3.39 14.32
C THR F 45 -2.01 4.19 15.45
N GLY F 46 -1.39 5.29 15.85
CA GLY F 46 -1.95 6.14 16.89
C GLY F 46 -1.96 5.53 18.28
N MET F 47 -0.93 4.74 18.59
CA MET F 47 -0.79 4.20 19.94
C MET F 47 -0.53 5.35 20.90
N THR F 48 -0.99 5.20 22.14
CA THR F 48 -0.63 6.11 23.21
C THR F 48 0.69 5.61 23.78
N VAL F 49 1.72 6.45 23.70
CA VAL F 49 3.02 6.09 24.27
C VAL F 49 3.28 6.87 25.56
N THR F 50 3.95 6.22 26.50
CA THR F 50 4.39 6.86 27.73
C THR F 50 5.91 6.81 27.74
N ILE F 51 6.52 7.99 27.66
CA ILE F 51 7.97 8.13 27.73
C ILE F 51 8.38 8.15 29.20
N LYS F 52 9.31 7.27 29.56
CA LYS F 52 9.76 7.15 30.95
C LYS F 52 11.25 7.42 31.02
N SER F 53 11.63 8.32 31.92
CA SER F 53 13.02 8.76 32.06
C SER F 53 13.23 9.50 33.38
N SER F 54 14.47 9.54 33.84
CA SER F 54 14.83 10.33 35.02
C SER F 54 14.89 11.84 34.74
N THR F 55 15.02 12.19 33.47
CA THR F 55 14.99 13.60 33.04
C THR F 55 13.85 13.79 32.04
N CYS F 56 12.90 14.65 32.39
CA CYS F 56 11.69 14.82 31.59
C CYS F 56 11.62 16.13 30.81
N GLU F 57 12.70 16.90 30.87
CA GLU F 57 12.82 18.14 30.11
C GLU F 57 12.75 17.83 28.61
N SER F 58 12.02 18.66 27.86
CA SER F 58 11.95 18.52 26.42
C SER F 58 13.35 18.62 25.82
N GLY F 59 13.70 17.66 24.98
CA GLY F 59 15.03 17.57 24.40
C GLY F 59 15.92 16.51 25.07
N SER F 60 15.39 15.86 26.10
CA SER F 60 16.16 14.87 26.87
C SER F 60 16.06 13.45 26.30
N GLY F 61 16.94 12.57 26.75
CA GLY F 61 16.98 11.19 26.26
C GLY F 61 16.09 10.23 27.03
N PHE F 62 15.76 9.11 26.40
CA PHE F 62 15.00 8.05 27.06
C PHE F 62 15.39 6.69 26.49
N ALA F 63 15.14 5.64 27.27
CA ALA F 63 15.34 4.28 26.81
C ALA F 63 14.25 3.35 27.38
N GLU F 64 13.21 3.96 27.95
CA GLU F 64 12.04 3.23 28.43
C GLU F 64 10.79 3.88 27.88
N VAL F 65 9.92 3.07 27.27
CA VAL F 65 8.69 3.58 26.69
C VAL F 65 7.61 2.51 26.68
N GLN F 66 6.43 2.89 27.18
CA GLN F 66 5.28 2.00 27.19
C GLN F 66 4.38 2.28 26.01
N PHE F 67 3.82 1.22 25.43
CA PHE F 67 2.93 1.31 24.28
C PHE F 67 1.55 0.81 24.68
N ASN F 68 0.55 1.66 24.52
CA ASN F 68 -0.84 1.30 24.78
C ASN F 68 -1.73 1.51 23.57
N ASN F 69 -2.69 0.61 23.36
CA ASN F 69 -3.79 0.87 22.45
C ASN F 69 -4.87 1.69 23.13
N ASP F 70 -5.87 2.13 22.37
CA ASP F 70 -7.03 2.83 22.92
C ASP F 70 -7.72 2.03 24.03
#